data_3VUE
#
_entry.id   3VUE
#
_cell.length_a   152.904
_cell.length_b   152.904
_cell.length_c   152.904
_cell.angle_alpha   90.00
_cell.angle_beta   90.00
_cell.angle_gamma   90.00
#
_symmetry.space_group_name_H-M   'P 4 3 2'
#
loop_
_entity.id
_entity.type
_entity.pdbx_description
1 polymer 'Granule-bound starch synthase 1, chloroplastic/amyloplastic'
2 non-polymer 'SULFATE ION'
3 water water
#
_entity_poly.entity_id   1
_entity_poly.type   'polypeptide(L)'
_entity_poly.pdbx_seq_one_letter_code
;MAHHHHHHHMNVVFVGAEMAPWSKTGGLGDVLGGLPPAMAANGHRVMVISPRYDQYKDAWDTSVVAEIKVADRYERVRFF
HCYKRGVDRVFIDHPSFLEKVWGKTGEKIYGPDTGVDYKDNQMRFSLLCQAALEAPRILNLNNNPYFKGTYGEDVVFVCN
DWHTGPLASYLKNNYQPNGIYRNAKVAFCIHNISYQGRFAFEDYPELNLSERFRSSFDFIDGYDTPVEGRKINWMKAGIL
EADRVLTVSPYYAEELISGIARGCELDNIMRLTGITGIVNGMDVSEWDPSKDKYITAKYDATTAIEAKALNKEALQAEAG
LPVDRKIPLIAFIGRLEEQKGPDVMAAAIPELMQEDVQIVLLGTGKKKFEKLLKSMEEKYPGKVRAVVKFNAPLAHLIMA
GADVLAVPSRFEPCGLIQLQGMRYGTPCACASTGGLVDTVIEGKTGFHMGRLSVDCKVVEPSDVKKVAATLKRAIKVVGT
PAYEEMVRNCMNQDLSWKGPAKNWENVLLGLGVAGSAPGIEGDEIAPLAKENVAAP
;
_entity_poly.pdbx_strand_id   A
#
loop_
_chem_comp.id
_chem_comp.type
_chem_comp.name
_chem_comp.formula
SO4 non-polymer 'SULFATE ION' 'O4 S -2'
#
# COMPACT_ATOMS: atom_id res chain seq x y z
N HIS A 8 5.97 -6.00 -27.41
CA HIS A 8 5.31 -7.14 -26.70
C HIS A 8 6.32 -7.92 -25.81
N HIS A 9 7.52 -7.36 -25.69
CA HIS A 9 8.64 -8.02 -24.98
C HIS A 9 9.58 -6.98 -24.32
N MET A 10 9.05 -6.29 -23.30
CA MET A 10 9.68 -5.08 -22.77
C MET A 10 10.53 -5.30 -21.54
N ASN A 11 11.44 -4.37 -21.30
CA ASN A 11 12.26 -4.40 -20.11
C ASN A 11 11.59 -3.48 -19.12
N VAL A 12 11.15 -4.02 -18.00
CA VAL A 12 10.50 -3.20 -17.02
C VAL A 12 11.37 -3.09 -15.81
N VAL A 13 11.59 -1.85 -15.36
CA VAL A 13 12.38 -1.57 -14.14
C VAL A 13 11.56 -0.82 -13.07
N PHE A 14 11.29 -1.50 -11.96
CA PHE A 14 10.53 -0.93 -10.84
C PHE A 14 11.51 -0.40 -9.83
N VAL A 15 11.16 0.76 -9.24
CA VAL A 15 11.96 1.43 -8.22
C VAL A 15 11.03 1.90 -7.10
N GLY A 16 11.48 1.80 -5.85
CA GLY A 16 10.67 2.11 -4.68
C GLY A 16 11.49 1.97 -3.42
N ALA A 17 11.01 2.55 -2.32
CA ALA A 17 11.68 2.49 -1.03
C ALA A 17 11.44 1.17 -0.26
N GLU A 18 10.40 0.42 -0.64
CA GLU A 18 10.11 -0.84 0.03
C GLU A 18 10.09 -2.01 -0.96
N MET A 19 10.26 -3.23 -0.46
CA MET A 19 10.25 -4.43 -1.32
C MET A 19 10.02 -5.68 -0.51
N ALA A 20 8.83 -6.27 -0.59
CA ALA A 20 8.50 -7.48 0.17
C ALA A 20 9.22 -8.66 -0.45
N PRO A 21 9.76 -9.59 0.36
CA PRO A 21 9.69 -9.69 1.82
C PRO A 21 10.75 -8.89 2.58
N TRP A 22 11.71 -8.32 1.85
CA TRP A 22 12.80 -7.58 2.50
C TRP A 22 12.36 -6.39 3.34
N SER A 23 11.47 -5.55 2.79
CA SER A 23 11.01 -4.31 3.46
C SER A 23 9.58 -4.03 3.07
N LYS A 24 8.79 -3.59 4.05
CA LYS A 24 7.35 -3.42 3.85
C LYS A 24 6.76 -2.76 5.10
N THR A 25 5.89 -1.78 4.88
CA THR A 25 5.09 -1.14 5.94
C THR A 25 3.62 -1.00 5.52
N GLY A 26 3.41 -0.30 4.41
CA GLY A 26 2.10 -0.19 3.80
C GLY A 26 2.04 -1.12 2.62
N GLY A 27 1.13 -0.81 1.71
CA GLY A 27 0.99 -1.54 0.45
C GLY A 27 2.08 -1.26 -0.55
N LEU A 28 3.10 -0.48 -0.22
CA LEU A 28 4.17 -0.31 -1.20
C LEU A 28 5.01 -1.58 -1.29
N GLY A 29 5.53 -2.01 -0.17
CA GLY A 29 6.16 -3.32 -0.06
C GLY A 29 5.38 -4.41 -0.78
N ASP A 30 4.06 -4.51 -0.55
CA ASP A 30 3.26 -5.61 -1.10
C ASP A 30 3.31 -5.57 -2.60
N VAL A 31 3.14 -4.38 -3.15
CA VAL A 31 3.08 -4.22 -4.61
C VAL A 31 4.40 -4.58 -5.27
N LEU A 32 5.51 -4.13 -4.71
CA LEU A 32 6.80 -4.42 -5.32
C LEU A 32 7.25 -5.87 -5.11
N GLY A 33 6.73 -6.51 -4.06
CA GLY A 33 6.82 -7.95 -3.84
C GLY A 33 6.21 -8.77 -4.97
N GLY A 34 4.93 -8.53 -5.29
CA GLY A 34 4.15 -9.49 -6.04
C GLY A 34 3.89 -9.14 -7.48
N LEU A 35 3.75 -7.85 -7.79
CA LEU A 35 3.47 -7.46 -9.16
C LEU A 35 4.64 -7.81 -10.10
N PRO A 36 5.91 -7.47 -9.73
CA PRO A 36 7.00 -7.75 -10.67
C PRO A 36 7.01 -9.21 -11.18
N PRO A 37 7.06 -10.24 -10.27
CA PRO A 37 7.11 -11.64 -10.72
C PRO A 37 6.00 -11.99 -11.70
N ALA A 38 4.77 -11.59 -11.36
CA ALA A 38 3.60 -11.74 -12.20
C ALA A 38 3.76 -11.14 -13.57
N MET A 39 4.72 -10.20 -13.72
CA MET A 39 4.97 -9.58 -15.02
C MET A 39 6.12 -10.29 -15.74
N ALA A 40 7.04 -10.79 -14.93
CA ALA A 40 8.08 -11.71 -15.37
C ALA A 40 7.49 -13.03 -15.96
N ALA A 41 6.44 -13.55 -15.32
CA ALA A 41 5.73 -14.75 -15.79
C ALA A 41 5.14 -14.56 -17.17
N ASN A 42 4.87 -13.30 -17.54
CA ASN A 42 4.33 -12.96 -18.87
C ASN A 42 5.37 -12.72 -19.97
N GLY A 43 6.64 -12.97 -19.68
CA GLY A 43 7.67 -12.86 -20.71
C GLY A 43 8.30 -11.48 -20.91
N HIS A 44 8.62 -10.84 -19.79
CA HIS A 44 9.19 -9.51 -19.79
C HIS A 44 10.39 -9.66 -18.91
N ARG A 45 11.43 -8.89 -19.25
CA ARG A 45 12.59 -8.80 -18.40
C ARG A 45 12.20 -7.79 -17.34
N VAL A 46 12.39 -8.15 -16.08
CA VAL A 46 11.88 -7.33 -14.98
C VAL A 46 12.89 -7.21 -13.84
N MET A 47 13.27 -5.97 -13.57
CA MET A 47 14.12 -5.62 -12.42
C MET A 47 13.35 -4.89 -11.34
N VAL A 48 13.85 -4.91 -10.10
CA VAL A 48 13.29 -4.14 -8.99
C VAL A 48 14.41 -3.62 -8.13
N ILE A 49 14.54 -2.30 -8.07
CA ILE A 49 15.58 -1.66 -7.26
C ILE A 49 14.96 -1.03 -6.06
N SER A 50 15.51 -1.34 -4.89
CA SER A 50 15.13 -0.65 -3.68
C SER A 50 16.34 -0.60 -2.74
N PRO A 51 16.26 0.15 -1.65
CA PRO A 51 17.46 0.30 -0.83
C PRO A 51 17.80 -1.02 -0.15
N ARG A 52 18.91 -1.03 0.58
CA ARG A 52 19.30 -2.19 1.37
C ARG A 52 19.39 -1.77 2.83
N TYR A 53 18.31 -2.04 3.58
CA TYR A 53 18.14 -1.55 4.96
C TYR A 53 18.80 -2.43 6.00
N ASP A 54 19.14 -3.67 5.60
CA ASP A 54 19.76 -4.66 6.49
C ASP A 54 20.58 -5.62 5.66
N GLN A 55 21.32 -6.53 6.31
CA GLN A 55 22.25 -7.45 5.59
C GLN A 55 21.57 -8.74 5.14
N TYR A 56 20.85 -8.65 4.02
CA TYR A 56 19.93 -9.69 3.59
C TYR A 56 20.63 -11.00 3.22
N LYS A 57 20.29 -12.05 3.98
CA LYS A 57 20.77 -13.43 3.77
C LYS A 57 20.83 -13.81 2.26
N ASP A 58 19.68 -13.81 1.60
CA ASP A 58 19.59 -14.21 0.18
C ASP A 58 20.20 -13.23 -0.84
N ALA A 59 20.70 -12.08 -0.39
CA ALA A 59 21.20 -11.07 -1.32
C ALA A 59 22.71 -10.90 -1.30
N TRP A 60 23.32 -10.97 -2.49
CA TRP A 60 24.78 -11.09 -2.68
C TRP A 60 25.43 -9.88 -3.38
N ASP A 61 26.63 -9.51 -2.93
CA ASP A 61 27.41 -8.41 -3.52
C ASP A 61 27.83 -8.71 -4.99
N THR A 62 27.49 -7.79 -5.89
CA THR A 62 27.80 -7.96 -7.32
C THR A 62 29.11 -7.30 -7.71
N SER A 63 29.75 -6.66 -6.74
CA SER A 63 31.05 -6.00 -6.92
C SER A 63 31.00 -4.67 -7.69
N VAL A 64 29.89 -4.40 -8.38
CA VAL A 64 29.77 -3.15 -9.12
C VAL A 64 29.53 -1.98 -8.16
N VAL A 65 29.91 -0.79 -8.60
CA VAL A 65 29.78 0.46 -7.82
C VAL A 65 29.61 1.66 -8.76
N ALA A 66 28.65 2.52 -8.44
CA ALA A 66 28.66 3.87 -9.01
C ALA A 66 28.90 4.87 -7.90
N GLU A 67 29.40 6.05 -8.29
CA GLU A 67 29.58 7.15 -7.37
C GLU A 67 28.51 8.18 -7.68
N ILE A 68 27.88 8.68 -6.62
CA ILE A 68 26.68 9.50 -6.72
C ILE A 68 26.90 10.93 -6.22
N LYS A 69 26.50 11.89 -7.07
CA LYS A 69 26.52 13.33 -6.77
C LYS A 69 25.28 13.78 -5.98
N VAL A 70 25.37 13.76 -4.65
CA VAL A 70 24.26 14.19 -3.81
C VAL A 70 24.61 15.35 -2.88
N ALA A 71 23.91 16.48 -3.06
CA ALA A 71 24.30 17.80 -2.52
C ALA A 71 25.65 18.19 -3.13
N ASP A 72 26.73 18.03 -2.36
CA ASP A 72 28.09 18.09 -2.91
C ASP A 72 28.91 16.80 -2.64
N ARG A 73 28.62 16.11 -1.54
CA ARG A 73 29.25 14.83 -1.19
C ARG A 73 29.11 13.78 -2.31
N TYR A 74 30.24 13.37 -2.89
CA TYR A 74 30.28 12.23 -3.83
C TYR A 74 30.18 10.92 -3.05
N GLU A 75 29.25 10.08 -3.45
CA GLU A 75 28.87 8.95 -2.62
C GLU A 75 29.01 7.62 -3.35
N ARG A 76 29.61 6.66 -2.66
CA ARG A 76 29.85 5.34 -3.22
C ARG A 76 28.72 4.39 -2.80
N VAL A 77 28.03 3.83 -3.78
CA VAL A 77 27.03 2.82 -3.52
C VAL A 77 27.44 1.49 -4.08
N ARG A 78 27.14 0.41 -3.36
CA ARG A 78 27.31 -0.92 -3.91
C ARG A 78 25.98 -1.51 -4.34
N PHE A 79 26.00 -2.20 -5.49
CA PHE A 79 24.87 -3.01 -5.93
C PHE A 79 24.96 -4.44 -5.41
N PHE A 80 23.89 -4.87 -4.75
CA PHE A 80 23.67 -6.25 -4.31
C PHE A 80 22.61 -6.89 -5.18
N HIS A 81 22.69 -8.20 -5.41
CA HIS A 81 21.78 -8.83 -6.33
C HIS A 81 21.10 -10.04 -5.71
N CYS A 82 20.20 -10.65 -6.48
CA CYS A 82 19.33 -11.71 -6.03
C CYS A 82 18.36 -11.97 -7.18
N TYR A 83 18.57 -13.01 -7.98
CA TYR A 83 17.58 -13.35 -9.03
C TYR A 83 16.56 -14.35 -8.55
N LYS A 84 15.34 -13.87 -8.29
CA LYS A 84 14.26 -14.63 -7.66
C LYS A 84 13.00 -14.50 -8.52
N ARG A 85 12.07 -15.45 -8.35
CA ARG A 85 10.87 -15.61 -9.19
C ARG A 85 10.85 -15.01 -10.60
N GLY A 86 11.94 -15.19 -11.34
CA GLY A 86 12.05 -14.63 -12.69
C GLY A 86 12.29 -13.13 -12.60
N VAL A 87 12.75 -12.68 -11.43
CA VAL A 87 12.88 -11.24 -11.15
C VAL A 87 14.29 -10.85 -10.70
N ASP A 88 14.89 -9.97 -11.52
CA ASP A 88 16.10 -9.24 -11.18
C ASP A 88 15.86 -8.32 -10.00
N ARG A 89 16.20 -8.78 -8.80
CA ARG A 89 16.05 -8.00 -7.58
C ARG A 89 17.36 -7.43 -7.09
N VAL A 90 17.39 -6.09 -7.08
CA VAL A 90 18.60 -5.30 -6.92
C VAL A 90 18.50 -4.38 -5.72
N PHE A 91 19.45 -4.44 -4.81
CA PHE A 91 19.43 -3.59 -3.62
C PHE A 91 20.55 -2.53 -3.65
N ILE A 92 20.29 -1.34 -3.11
CA ILE A 92 21.29 -0.26 -3.15
C ILE A 92 21.89 -0.08 -1.76
N ASP A 93 23.20 -0.31 -1.66
CA ASP A 93 23.92 -0.32 -0.39
C ASP A 93 24.53 1.02 -0.07
N HIS A 94 24.36 1.46 1.18
CA HIS A 94 24.99 2.68 1.68
C HIS A 94 24.66 2.87 3.16
N PRO A 95 25.62 3.36 3.96
CA PRO A 95 25.39 3.55 5.38
C PRO A 95 24.18 4.39 5.77
N SER A 96 23.68 5.20 4.84
CA SER A 96 22.43 5.96 5.05
C SER A 96 21.25 5.06 5.29
N PHE A 97 21.17 4.01 4.47
CA PHE A 97 20.11 3.03 4.52
C PHE A 97 20.32 2.04 5.64
N LEU A 98 21.58 1.83 6.02
CA LEU A 98 21.93 0.77 6.98
C LEU A 98 21.76 1.22 8.43
N GLU A 99 21.02 2.32 8.62
CA GLU A 99 20.72 2.94 9.93
C GLU A 99 20.41 1.99 11.12
N LYS A 100 20.69 2.47 12.33
CA LYS A 100 20.48 1.71 13.58
C LYS A 100 19.69 2.52 14.63
N LYS A 119 15.64 15.56 7.52
CA LYS A 119 16.26 16.24 6.38
C LYS A 119 17.14 15.27 5.61
N ASP A 120 17.87 14.45 6.38
CA ASP A 120 18.77 13.43 5.84
C ASP A 120 18.08 12.48 4.86
N ASN A 121 16.75 12.41 4.96
CA ASN A 121 15.93 11.58 4.09
C ASN A 121 16.02 11.95 2.63
N GLN A 122 16.27 13.22 2.34
CA GLN A 122 16.42 13.68 0.97
C GLN A 122 17.69 13.15 0.30
N MET A 123 18.78 13.07 1.05
CA MET A 123 20.01 12.47 0.52
C MET A 123 19.85 10.95 0.23
N ARG A 124 19.34 10.24 1.24
CA ARG A 124 19.02 8.83 1.11
C ARG A 124 18.39 8.53 -0.22
N PHE A 125 17.31 9.23 -0.57
CA PHE A 125 16.54 8.84 -1.76
C PHE A 125 16.93 9.51 -3.05
N SER A 126 17.79 10.50 -2.94
CA SER A 126 18.46 10.97 -4.14
C SER A 126 19.45 9.87 -4.58
N LEU A 127 20.11 9.27 -3.59
CA LEU A 127 20.86 8.04 -3.80
C LEU A 127 20.05 7.00 -4.59
N LEU A 128 18.89 6.60 -4.07
CA LEU A 128 18.06 5.58 -4.72
C LEU A 128 17.75 5.95 -6.16
N CYS A 129 17.20 7.14 -6.37
CA CYS A 129 16.77 7.51 -7.72
C CYS A 129 17.94 7.42 -8.65
N GLN A 130 19.09 7.89 -8.17
CA GLN A 130 20.25 8.05 -9.04
C GLN A 130 20.87 6.72 -9.41
N ALA A 131 21.17 5.93 -8.38
CA ALA A 131 21.56 4.53 -8.56
C ALA A 131 20.64 3.78 -9.53
N ALA A 132 19.32 3.93 -9.37
CA ALA A 132 18.40 3.19 -10.22
C ALA A 132 18.63 3.48 -11.70
N LEU A 133 19.15 4.67 -11.99
CA LEU A 133 19.41 5.07 -13.35
C LEU A 133 20.73 4.45 -13.87
N GLU A 134 21.53 3.99 -12.93
CA GLU A 134 22.78 3.33 -13.26
C GLU A 134 22.67 1.81 -13.50
N ALA A 135 21.79 1.16 -12.74
CA ALA A 135 21.69 -0.29 -12.80
C ALA A 135 21.31 -0.89 -14.17
N PRO A 136 20.48 -0.18 -14.97
CA PRO A 136 20.03 -0.67 -16.29
C PRO A 136 21.10 -0.64 -17.37
N ARG A 137 22.29 -0.22 -16.99
CA ARG A 137 23.33 0.03 -17.95
C ARG A 137 24.61 -0.66 -17.51
N ILE A 138 24.90 -0.54 -16.21
CA ILE A 138 26.20 -0.98 -15.69
C ILE A 138 26.16 -2.39 -15.07
N LEU A 139 25.09 -3.13 -15.32
CA LEU A 139 25.02 -4.47 -14.75
C LEU A 139 24.81 -5.60 -15.75
N ASN A 140 25.66 -6.61 -15.60
CA ASN A 140 25.59 -7.83 -16.39
C ASN A 140 24.79 -8.88 -15.64
N LEU A 141 23.56 -9.07 -16.12
CA LEU A 141 22.67 -10.03 -15.51
C LEU A 141 22.30 -11.09 -16.52
N ASN A 142 22.73 -12.32 -16.22
CA ASN A 142 22.66 -13.40 -17.18
C ASN A 142 21.79 -14.57 -16.72
N ASN A 143 21.43 -14.54 -15.44
CA ASN A 143 20.53 -15.49 -14.82
C ASN A 143 19.30 -15.92 -15.67
N ASN A 144 18.81 -15.01 -16.52
CA ASN A 144 17.59 -15.28 -17.30
C ASN A 144 17.84 -16.11 -18.56
N PRO A 145 17.11 -17.24 -18.68
CA PRO A 145 17.14 -18.13 -19.86
C PRO A 145 16.62 -17.50 -21.17
N TYR A 146 16.12 -16.27 -21.13
CA TYR A 146 15.58 -15.64 -22.35
C TYR A 146 16.19 -14.26 -22.68
N PHE A 147 16.99 -13.72 -21.77
CA PHE A 147 17.57 -12.38 -21.93
C PHE A 147 18.97 -12.38 -21.33
N LYS A 148 19.88 -11.60 -21.91
CA LYS A 148 21.25 -11.64 -21.44
C LYS A 148 21.93 -10.27 -21.30
N GLY A 149 22.92 -10.22 -20.40
CA GLY A 149 23.88 -9.10 -20.35
C GLY A 149 23.27 -7.88 -19.70
N THR A 150 23.34 -6.76 -20.39
CA THR A 150 22.82 -5.50 -19.83
C THR A 150 21.41 -5.18 -20.37
N TYR A 151 20.55 -4.68 -19.46
CA TYR A 151 19.15 -4.38 -19.75
C TYR A 151 18.98 -3.40 -20.88
N GLY A 152 19.90 -2.44 -20.96
CA GLY A 152 19.90 -1.50 -22.06
C GLY A 152 19.20 -0.20 -21.73
N GLU A 153 18.69 0.44 -22.77
CA GLU A 153 18.18 1.79 -22.67
C GLU A 153 16.79 1.90 -23.29
N ASP A 154 16.24 0.77 -23.73
CA ASP A 154 14.81 0.70 -24.05
C ASP A 154 13.99 0.23 -22.86
N VAL A 155 13.93 1.09 -21.85
CA VAL A 155 13.42 0.74 -20.54
C VAL A 155 12.13 1.49 -20.26
N VAL A 156 11.23 0.79 -19.59
CA VAL A 156 10.08 1.42 -18.97
C VAL A 156 10.43 1.45 -17.50
N PHE A 157 10.53 2.66 -16.94
CA PHE A 157 10.67 2.76 -15.48
C PHE A 157 9.31 2.92 -14.86
N VAL A 158 9.16 2.30 -13.70
CA VAL A 158 7.97 2.47 -12.90
C VAL A 158 8.42 3.00 -11.57
N CYS A 159 7.91 4.18 -11.21
CA CYS A 159 8.28 4.80 -9.96
C CYS A 159 7.13 4.76 -9.01
N ASN A 160 7.46 4.44 -7.77
CA ASN A 160 6.47 4.15 -6.76
C ASN A 160 6.65 5.10 -5.61
N ASP A 161 5.58 5.81 -5.30
CA ASP A 161 5.53 6.79 -4.24
C ASP A 161 6.49 7.95 -4.39
N TRP A 162 6.51 8.81 -3.39
CA TRP A 162 7.23 10.06 -3.45
C TRP A 162 8.71 9.86 -3.43
N HIS A 163 9.17 8.74 -2.85
CA HIS A 163 10.61 8.50 -2.77
C HIS A 163 11.33 8.41 -4.10
N THR A 164 10.60 8.30 -5.20
CA THR A 164 11.21 8.09 -6.53
C THR A 164 10.72 9.11 -7.53
N GLY A 165 10.07 10.14 -6.99
CA GLY A 165 9.52 11.21 -7.79
C GLY A 165 10.58 11.83 -8.68
N PRO A 166 11.75 12.17 -8.11
CA PRO A 166 12.82 12.79 -8.87
C PRO A 166 13.39 11.97 -10.01
N LEU A 167 13.37 10.64 -9.91
CA LEU A 167 13.92 9.82 -11.01
C LEU A 167 13.69 10.35 -12.44
N ALA A 168 12.48 10.81 -12.77
CA ALA A 168 12.21 11.18 -14.16
C ALA A 168 12.99 12.43 -14.49
N SER A 169 13.12 13.31 -13.50
CA SER A 169 13.81 14.55 -13.64
C SER A 169 15.29 14.30 -13.85
N TYR A 170 15.91 13.51 -12.98
CA TYR A 170 17.33 13.11 -13.18
C TYR A 170 17.57 12.59 -14.59
N LEU A 171 16.71 11.69 -15.04
CA LEU A 171 16.84 11.11 -16.36
C LEU A 171 16.83 12.19 -17.41
N LYS A 172 16.06 13.25 -17.20
CA LYS A 172 15.97 14.32 -18.21
C LYS A 172 17.14 15.30 -18.06
N ASN A 173 17.67 15.35 -16.84
CA ASN A 173 18.79 16.20 -16.51
C ASN A 173 20.13 15.68 -17.01
N ASN A 174 20.43 14.40 -16.73
CA ASN A 174 21.76 13.87 -16.93
C ASN A 174 21.88 12.86 -18.07
N TYR A 175 20.78 12.19 -18.42
CA TYR A 175 20.86 11.16 -19.47
C TYR A 175 20.33 11.57 -20.85
N GLN A 176 19.20 12.26 -20.93
CA GLN A 176 18.62 12.55 -22.25
C GLN A 176 19.31 13.64 -23.11
N PRO A 177 20.03 14.60 -22.47
CA PRO A 177 20.84 15.53 -23.28
C PRO A 177 22.10 14.87 -23.85
N ASN A 178 22.72 13.99 -23.04
CA ASN A 178 23.88 13.18 -23.47
C ASN A 178 23.54 11.93 -24.30
N GLY A 179 22.36 11.92 -24.94
CA GLY A 179 21.92 10.79 -25.78
C GLY A 179 21.76 9.38 -25.20
N ILE A 180 21.56 9.27 -23.89
CA ILE A 180 21.29 8.00 -23.24
C ILE A 180 19.79 7.87 -22.86
N TYR A 181 19.29 6.63 -22.81
CA TYR A 181 17.87 6.34 -22.53
C TYR A 181 16.91 7.17 -23.38
N ARG A 182 17.32 7.65 -24.55
CA ARG A 182 16.46 8.55 -25.30
C ARG A 182 15.08 7.96 -25.70
N ASN A 183 14.99 6.64 -25.74
CA ASN A 183 13.69 6.02 -26.03
C ASN A 183 12.80 5.78 -24.80
N ALA A 184 13.44 5.72 -23.62
CA ALA A 184 12.83 5.33 -22.34
C ALA A 184 11.58 6.09 -22.01
N LYS A 185 10.81 5.57 -21.06
CA LYS A 185 9.61 6.22 -20.60
C LYS A 185 9.42 5.95 -19.11
N VAL A 186 9.07 6.96 -18.32
CA VAL A 186 8.79 6.73 -16.91
C VAL A 186 7.31 6.78 -16.63
N ALA A 187 6.84 5.74 -15.93
CA ALA A 187 5.48 5.74 -15.35
C ALA A 187 5.56 5.94 -13.84
N PHE A 188 4.68 6.76 -13.32
CA PHE A 188 4.76 7.10 -11.90
C PHE A 188 3.50 6.66 -11.16
N CYS A 189 3.67 5.90 -10.09
CA CYS A 189 2.53 5.27 -9.44
C CYS A 189 2.29 5.82 -8.07
N ILE A 190 1.05 6.25 -7.84
CA ILE A 190 0.68 6.78 -6.54
C ILE A 190 0.08 5.71 -5.65
N HIS A 191 0.78 5.43 -4.54
CA HIS A 191 0.35 4.41 -3.62
C HIS A 191 -0.41 5.01 -2.49
N ASN A 192 0.00 6.19 -2.07
CA ASN A 192 -0.77 6.90 -1.08
C ASN A 192 -0.46 8.39 -1.07
N ILE A 193 -1.48 9.19 -1.32
CA ILE A 193 -1.34 10.63 -1.44
C ILE A 193 -0.96 11.32 -0.12
N SER A 194 -0.98 10.60 1.01
CA SER A 194 -0.69 11.20 2.31
C SER A 194 0.71 11.75 2.40
N TYR A 195 1.68 10.96 1.92
CA TYR A 195 3.08 11.30 2.06
C TYR A 195 3.63 11.79 0.73
N GLN A 196 3.97 13.07 0.65
CA GLN A 196 4.28 13.68 -0.65
C GLN A 196 5.75 14.03 -0.84
N GLY A 197 6.51 13.92 0.24
CA GLY A 197 7.91 14.32 0.25
C GLY A 197 7.99 15.81 0.13
N ARG A 198 7.48 16.50 1.14
CA ARG A 198 7.44 17.95 1.14
C ARG A 198 8.63 18.52 1.89
N PHE A 199 9.47 19.26 1.19
CA PHE A 199 10.69 19.75 1.80
C PHE A 199 10.88 21.28 1.70
N ALA A 200 11.62 21.84 2.64
CA ALA A 200 11.92 23.25 2.51
C ALA A 200 12.50 23.54 1.12
N PHE A 201 11.96 24.59 0.50
CA PHE A 201 12.32 25.02 -0.84
C PHE A 201 13.80 25.47 -1.01
N GLU A 202 14.43 25.89 0.10
CA GLU A 202 15.88 26.25 0.10
C GLU A 202 16.77 25.02 -0.18
N ASP A 203 16.26 23.84 0.15
CA ASP A 203 17.00 22.58 0.03
C ASP A 203 17.05 22.07 -1.41
N TYR A 204 16.39 22.76 -2.34
CA TYR A 204 16.35 22.28 -3.71
C TYR A 204 17.74 22.03 -4.30
N PRO A 205 18.64 23.04 -4.25
CA PRO A 205 19.99 22.90 -4.84
C PRO A 205 20.60 21.50 -4.70
N GLU A 206 20.43 20.91 -3.50
CA GLU A 206 20.99 19.63 -3.09
C GLU A 206 20.51 18.42 -3.86
N LEU A 207 19.64 18.64 -4.83
CA LEU A 207 19.19 17.56 -5.66
C LEU A 207 20.07 17.52 -6.87
N ASN A 208 20.92 18.53 -6.99
CA ASN A 208 21.80 18.68 -8.15
C ASN A 208 21.03 18.53 -9.46
N LEU A 209 19.83 19.08 -9.48
CA LEU A 209 19.05 19.17 -10.69
C LEU A 209 19.00 20.62 -11.16
N SER A 210 18.95 20.79 -12.48
CA SER A 210 18.87 22.10 -13.10
C SER A 210 17.61 22.87 -12.71
N GLU A 211 17.60 24.15 -13.07
CA GLU A 211 16.50 25.09 -12.82
C GLU A 211 15.16 24.79 -13.55
N ARG A 212 15.22 24.24 -14.76
CA ARG A 212 13.97 23.92 -15.49
C ARG A 212 13.05 22.90 -14.77
N PHE A 213 13.59 22.22 -13.77
CA PHE A 213 12.83 21.22 -13.05
C PHE A 213 12.29 21.70 -11.69
N ARG A 214 12.72 22.88 -11.25
CA ARG A 214 12.23 23.46 -10.01
C ARG A 214 10.70 23.61 -10.04
N SER A 215 10.17 24.18 -11.11
CA SER A 215 8.76 24.48 -11.11
C SER A 215 7.86 23.23 -10.91
N SER A 216 8.37 22.05 -11.29
CA SER A 216 7.71 20.79 -11.05
C SER A 216 7.70 20.42 -9.56
N PHE A 217 8.75 20.79 -8.84
CA PHE A 217 8.81 20.54 -7.44
C PHE A 217 8.05 21.58 -6.66
N ASP A 218 7.92 22.76 -7.26
CA ASP A 218 7.43 23.98 -6.56
C ASP A 218 6.03 23.77 -5.98
N PHE A 219 5.85 24.09 -4.70
CA PHE A 219 4.61 23.74 -4.05
C PHE A 219 4.18 24.68 -2.92
N ILE A 220 2.90 25.02 -2.91
CA ILE A 220 2.34 25.87 -1.87
C ILE A 220 1.64 24.98 -0.89
N ASP A 221 2.24 24.76 0.26
CA ASP A 221 1.72 23.86 1.25
C ASP A 221 0.92 24.68 2.24
N GLY A 222 -0.15 24.07 2.76
CA GLY A 222 -1.06 24.72 3.73
C GLY A 222 -1.70 26.03 3.31
N TYR A 223 -2.12 26.17 2.06
CA TYR A 223 -2.65 27.45 1.59
C TYR A 223 -3.72 28.06 2.51
N ASP A 224 -3.68 29.37 2.65
CA ASP A 224 -4.63 30.13 3.47
C ASP A 224 -4.87 29.53 4.86
N THR A 225 -3.89 28.81 5.38
CA THR A 225 -3.85 28.46 6.80
C THR A 225 -2.61 29.17 7.39
N PRO A 226 -2.57 29.36 8.73
CA PRO A 226 -1.42 30.06 9.38
C PRO A 226 -0.04 29.39 9.25
N VAL A 227 0.04 28.25 8.55
CA VAL A 227 1.35 27.64 8.26
C VAL A 227 1.60 27.42 6.75
N GLU A 228 0.97 28.25 5.91
CA GLU A 228 1.27 28.30 4.48
C GLU A 228 2.75 28.59 4.28
N GLY A 229 3.43 27.76 3.50
CA GLY A 229 4.85 27.89 3.27
C GLY A 229 5.21 27.28 1.93
N ARG A 230 6.26 27.79 1.30
CA ARG A 230 6.64 27.33 -0.02
C ARG A 230 7.44 26.07 0.24
N LYS A 231 7.38 25.11 -0.68
CA LYS A 231 7.97 23.80 -0.44
C LYS A 231 8.33 23.12 -1.73
N ILE A 232 9.25 22.18 -1.61
CA ILE A 232 9.66 21.33 -2.69
C ILE A 232 8.87 20.01 -2.44
N ASN A 233 8.18 19.49 -3.46
CA ASN A 233 7.27 18.34 -3.28
C ASN A 233 7.62 17.21 -4.26
N TRP A 234 8.20 16.13 -3.75
CA TRP A 234 8.74 15.08 -4.61
C TRP A 234 7.63 14.37 -5.37
N MET A 235 6.51 14.16 -4.69
CA MET A 235 5.42 13.52 -5.37
C MET A 235 4.97 14.35 -6.56
N LYS A 236 4.87 15.66 -6.36
CA LYS A 236 4.45 16.54 -7.44
C LYS A 236 5.43 16.45 -8.63
N ALA A 237 6.72 16.57 -8.34
CA ALA A 237 7.76 16.31 -9.37
C ALA A 237 7.55 15.02 -10.16
N GLY A 238 7.36 13.91 -9.42
CA GLY A 238 7.08 12.62 -10.04
C GLY A 238 5.92 12.76 -10.99
N ILE A 239 4.80 13.30 -10.53
CA ILE A 239 3.59 13.36 -11.38
C ILE A 239 3.74 14.21 -12.64
N LEU A 240 4.39 15.36 -12.51
CA LEU A 240 4.49 16.27 -13.65
C LEU A 240 5.52 15.77 -14.68
N GLU A 241 6.60 15.15 -14.18
CA GLU A 241 7.68 14.77 -15.09
C GLU A 241 7.49 13.41 -15.82
N ALA A 242 6.52 12.62 -15.40
CA ALA A 242 6.34 11.29 -15.93
C ALA A 242 5.49 11.26 -17.19
N ASP A 243 5.60 10.16 -17.92
CA ASP A 243 4.93 10.02 -19.18
C ASP A 243 3.57 9.43 -18.98
N ARG A 244 3.37 8.82 -17.82
CA ARG A 244 2.11 8.15 -17.53
C ARG A 244 2.01 8.09 -16.01
N VAL A 245 0.84 8.47 -15.48
CA VAL A 245 0.63 8.46 -14.03
C VAL A 245 -0.38 7.40 -13.70
N LEU A 246 -0.04 6.60 -12.70
CA LEU A 246 -0.93 5.55 -12.24
C LEU A 246 -1.21 5.64 -10.76
N THR A 247 -2.33 5.04 -10.38
CA THR A 247 -2.59 4.73 -8.98
C THR A 247 -3.20 3.29 -8.81
N VAL A 248 -3.50 2.93 -7.58
CA VAL A 248 -3.68 1.54 -7.26
C VAL A 248 -5.17 1.12 -7.25
N SER A 249 -6.03 1.96 -7.81
CA SER A 249 -7.42 1.61 -7.87
C SER A 249 -8.14 2.51 -8.89
N PRO A 250 -9.05 1.93 -9.68
CA PRO A 250 -9.69 2.77 -10.68
C PRO A 250 -10.66 3.77 -10.06
N TYR A 251 -11.34 3.40 -8.99
CA TYR A 251 -12.27 4.32 -8.40
C TYR A 251 -11.53 5.48 -7.76
N TYR A 252 -10.33 5.21 -7.28
CA TYR A 252 -9.60 6.21 -6.58
C TYR A 252 -9.03 7.17 -7.62
N ALA A 253 -8.63 6.60 -8.77
CA ALA A 253 -8.25 7.39 -9.93
C ALA A 253 -9.37 8.36 -10.22
N GLU A 254 -10.60 7.85 -10.27
CA GLU A 254 -11.75 8.70 -10.52
C GLU A 254 -12.02 9.64 -9.35
N GLU A 255 -11.61 9.30 -8.13
CA GLU A 255 -11.73 10.24 -7.01
C GLU A 255 -10.71 11.39 -7.17
N LEU A 256 -9.51 11.07 -7.62
CA LEU A 256 -8.50 12.05 -7.81
C LEU A 256 -8.83 12.93 -9.00
N ILE A 257 -9.12 12.33 -10.17
CA ILE A 257 -9.52 13.11 -11.37
C ILE A 257 -10.66 14.08 -11.04
N SER A 258 -11.50 13.73 -10.07
CA SER A 258 -12.63 14.55 -9.62
C SER A 258 -12.30 15.61 -8.59
N GLY A 259 -11.10 15.55 -8.02
CA GLY A 259 -10.74 16.49 -6.99
C GLY A 259 -11.43 16.29 -5.65
N ILE A 260 -11.77 15.05 -5.32
CA ILE A 260 -12.14 14.64 -3.96
C ILE A 260 -10.84 14.34 -3.22
N ALA A 261 -9.74 14.84 -3.81
CA ALA A 261 -8.34 14.34 -3.63
C ALA A 261 -7.65 14.60 -2.28
N ARG A 262 -8.44 14.74 -1.22
CA ARG A 262 -7.88 15.08 0.08
C ARG A 262 -6.89 14.02 0.63
N GLY A 263 -5.68 14.48 0.93
CA GLY A 263 -4.75 13.70 1.73
C GLY A 263 -5.01 13.90 3.22
N CYS A 264 -6.19 14.44 3.54
CA CYS A 264 -6.54 14.73 4.92
C CYS A 264 -5.94 16.06 5.36
N GLU A 265 -4.63 16.08 5.58
CA GLU A 265 -3.91 17.31 5.98
C GLU A 265 -3.56 18.13 4.73
N LEU A 266 -4.54 18.24 3.83
CA LEU A 266 -4.38 18.92 2.54
C LEU A 266 -5.70 18.95 1.77
N ASP A 267 -5.68 19.65 0.64
CA ASP A 267 -6.74 19.62 -0.37
C ASP A 267 -6.19 19.50 -1.79
N ASN A 268 -6.94 18.77 -2.63
CA ASN A 268 -6.77 18.70 -4.09
C ASN A 268 -5.40 18.30 -4.72
N ILE A 269 -4.30 18.67 -4.05
CA ILE A 269 -2.97 18.86 -4.66
C ILE A 269 -3.11 19.70 -5.94
N MET A 270 -3.23 19.08 -7.12
CA MET A 270 -3.43 19.82 -8.38
C MET A 270 -4.51 19.22 -9.30
N ARG A 271 -4.73 19.88 -10.44
CA ARG A 271 -5.64 19.36 -11.47
C ARG A 271 -5.02 18.12 -12.13
N LEU A 272 -5.28 16.95 -11.52
CA LEU A 272 -4.86 15.70 -12.12
C LEU A 272 -5.72 15.38 -13.35
N THR A 273 -5.14 14.62 -14.28
CA THR A 273 -5.82 14.26 -15.53
C THR A 273 -5.22 13.02 -16.19
N GLY A 274 -6.11 12.20 -16.77
CA GLY A 274 -5.75 10.94 -17.41
C GLY A 274 -5.01 9.94 -16.54
N ILE A 275 -5.09 10.11 -15.21
CA ILE A 275 -4.53 9.11 -14.33
C ILE A 275 -5.25 7.76 -14.49
N THR A 276 -4.48 6.70 -14.63
CA THR A 276 -5.05 5.34 -14.72
C THR A 276 -4.92 4.53 -13.40
N GLY A 277 -6.05 3.98 -12.93
CA GLY A 277 -6.07 3.14 -11.74
C GLY A 277 -6.11 1.64 -12.00
N ILE A 278 -5.34 0.90 -11.23
CA ILE A 278 -5.41 -0.55 -11.39
C ILE A 278 -5.41 -1.18 -10.02
N VAL A 279 -6.43 -2.00 -9.77
CA VAL A 279 -6.58 -2.74 -8.50
C VAL A 279 -5.39 -3.68 -8.26
N ASN A 280 -4.75 -3.57 -7.08
CA ASN A 280 -3.67 -4.49 -6.67
C ASN A 280 -4.14 -5.92 -6.51
N GLY A 281 -3.26 -6.86 -6.84
CA GLY A 281 -3.41 -8.22 -6.38
C GLY A 281 -2.94 -8.29 -4.94
N MET A 282 -2.71 -9.50 -4.47
CA MET A 282 -2.20 -9.72 -3.13
C MET A 282 -1.26 -10.96 -3.06
N ASP A 283 -0.33 -10.96 -2.14
CA ASP A 283 0.55 -12.11 -1.89
C ASP A 283 -0.32 -13.25 -1.40
N VAL A 284 -0.73 -14.12 -2.31
CA VAL A 284 -1.66 -15.16 -1.89
C VAL A 284 -0.96 -16.35 -1.22
N SER A 285 0.34 -16.22 -0.92
CA SER A 285 1.07 -17.27 -0.23
C SER A 285 1.34 -16.91 1.21
N GLU A 286 1.63 -15.63 1.49
CA GLU A 286 1.75 -15.17 2.88
C GLU A 286 0.38 -15.29 3.55
N TRP A 287 -0.68 -14.90 2.82
CA TRP A 287 -2.07 -14.99 3.32
C TRP A 287 -2.87 -16.08 2.60
N ASP A 288 -3.00 -17.23 3.26
CA ASP A 288 -3.53 -18.43 2.64
C ASP A 288 -4.10 -19.29 3.71
N PRO A 289 -5.42 -19.19 3.95
CA PRO A 289 -6.06 -19.90 5.03
C PRO A 289 -5.83 -21.42 5.01
N SER A 290 -5.48 -21.97 3.88
CA SER A 290 -5.33 -23.41 3.84
C SER A 290 -3.91 -23.86 4.23
N LYS A 291 -3.02 -22.89 4.42
CA LYS A 291 -1.63 -23.12 4.77
C LYS A 291 -1.08 -22.24 5.88
N ASP A 292 -1.87 -21.29 6.33
CA ASP A 292 -1.40 -20.38 7.35
C ASP A 292 -0.99 -21.15 8.61
N LYS A 293 0.01 -20.64 9.32
CA LYS A 293 0.53 -21.36 10.47
C LYS A 293 0.37 -20.59 11.74
N TYR A 294 -0.31 -19.45 11.68
CA TYR A 294 -0.62 -18.71 12.91
C TYR A 294 -2.01 -18.96 13.44
N ILE A 295 -2.83 -19.66 12.68
CA ILE A 295 -4.22 -19.83 13.04
C ILE A 295 -4.46 -21.24 13.56
N THR A 296 -5.55 -21.42 14.28
CA THR A 296 -5.93 -22.68 14.83
C THR A 296 -6.46 -23.66 13.78
N ALA A 297 -7.39 -23.22 12.94
CA ALA A 297 -7.94 -24.15 11.93
C ALA A 297 -7.69 -23.62 10.51
N LYS A 298 -7.11 -24.44 9.65
CA LYS A 298 -6.92 -24.07 8.28
C LYS A 298 -8.16 -24.48 7.49
N TYR A 299 -8.40 -23.87 6.32
CA TYR A 299 -9.60 -24.15 5.59
C TYR A 299 -9.57 -23.67 4.18
N ASP A 300 -10.59 -24.09 3.43
CA ASP A 300 -10.87 -23.47 2.15
C ASP A 300 -12.34 -23.11 2.13
N ALA A 301 -12.93 -22.87 0.96
CA ALA A 301 -14.33 -22.43 0.97
C ALA A 301 -15.24 -23.55 1.48
N THR A 302 -14.84 -24.79 1.26
CA THR A 302 -15.74 -25.89 1.57
C THR A 302 -15.85 -26.10 3.06
N THR A 303 -14.82 -25.72 3.81
CA THR A 303 -14.80 -26.03 5.25
C THR A 303 -14.79 -24.78 6.10
N ALA A 304 -14.86 -23.64 5.43
CA ALA A 304 -14.78 -22.34 6.11
C ALA A 304 -15.72 -22.17 7.31
N ILE A 305 -16.96 -22.61 7.20
CA ILE A 305 -17.88 -22.26 8.29
C ILE A 305 -17.47 -22.89 9.64
N GLU A 306 -17.17 -24.20 9.61
CA GLU A 306 -16.69 -24.90 10.79
C GLU A 306 -15.32 -24.40 11.30
N ALA A 307 -14.33 -24.28 10.41
CA ALA A 307 -13.01 -23.85 10.83
C ALA A 307 -12.95 -22.39 11.33
N LYS A 308 -13.78 -21.51 10.75
CA LYS A 308 -13.76 -20.15 11.23
C LYS A 308 -14.34 -20.11 12.62
N ALA A 309 -15.28 -20.99 12.92
CA ALA A 309 -15.87 -21.09 14.26
C ALA A 309 -14.80 -21.45 15.31
N LEU A 310 -13.94 -22.41 14.97
CA LEU A 310 -12.80 -22.80 15.78
C LEU A 310 -11.76 -21.69 15.91
N ASN A 311 -11.42 -21.03 14.82
CA ASN A 311 -10.57 -19.87 14.92
C ASN A 311 -11.23 -18.79 15.80
N LYS A 312 -12.53 -18.66 15.69
CA LYS A 312 -13.20 -17.60 16.42
C LYS A 312 -13.08 -17.87 17.91
N GLU A 313 -13.16 -19.13 18.32
CA GLU A 313 -13.09 -19.41 19.75
C GLU A 313 -11.66 -19.31 20.29
N ALA A 314 -10.67 -19.67 19.49
CA ALA A 314 -9.30 -19.41 19.86
C ALA A 314 -9.15 -17.91 20.09
N LEU A 315 -9.60 -17.12 19.15
CA LEU A 315 -9.45 -15.68 19.18
C LEU A 315 -10.11 -15.07 20.41
N GLN A 316 -11.27 -15.61 20.78
CA GLN A 316 -11.98 -15.06 21.93
C GLN A 316 -11.14 -15.31 23.18
N ALA A 317 -10.59 -16.53 23.24
CA ALA A 317 -9.72 -16.96 24.32
C ALA A 317 -8.56 -15.97 24.43
N GLU A 318 -7.78 -15.83 23.36
CA GLU A 318 -6.60 -14.96 23.34
C GLU A 318 -6.89 -13.50 23.67
N ALA A 319 -8.11 -13.05 23.39
CA ALA A 319 -8.46 -11.65 23.61
C ALA A 319 -9.14 -11.48 24.97
N GLY A 320 -9.23 -12.56 25.71
CA GLY A 320 -9.83 -12.47 27.02
C GLY A 320 -11.28 -12.05 26.97
N LEU A 321 -12.01 -12.42 25.92
CA LEU A 321 -13.44 -12.17 25.79
C LEU A 321 -14.19 -13.47 26.03
N PRO A 322 -15.51 -13.42 26.26
CA PRO A 322 -16.26 -14.66 26.48
C PRO A 322 -16.18 -15.57 25.26
N VAL A 323 -15.77 -16.81 25.43
CA VAL A 323 -15.65 -17.71 24.31
C VAL A 323 -17.00 -18.29 23.92
N ASP A 324 -17.55 -17.85 22.79
CA ASP A 324 -18.84 -18.37 22.33
C ASP A 324 -19.06 -18.07 20.84
N ARG A 325 -19.21 -19.12 20.03
CA ARG A 325 -19.29 -18.96 18.58
C ARG A 325 -20.59 -18.30 18.12
N LYS A 326 -21.58 -18.27 19.00
CA LYS A 326 -22.88 -17.68 18.67
C LYS A 326 -22.83 -16.14 18.68
N ILE A 327 -21.86 -15.56 19.36
CA ILE A 327 -21.72 -14.12 19.38
C ILE A 327 -20.99 -13.64 18.12
N PRO A 328 -21.62 -12.70 17.39
CA PRO A 328 -20.94 -12.18 16.21
C PRO A 328 -19.77 -11.30 16.64
N LEU A 329 -18.67 -11.44 15.92
CA LEU A 329 -17.47 -10.70 16.24
C LEU A 329 -17.00 -9.80 15.10
N ILE A 330 -16.92 -8.51 15.39
CA ILE A 330 -16.43 -7.49 14.47
C ILE A 330 -14.97 -7.17 14.74
N ALA A 331 -14.19 -6.97 13.68
CA ALA A 331 -12.78 -6.66 13.83
C ALA A 331 -12.41 -5.37 13.14
N PHE A 332 -11.57 -4.58 13.79
CA PHE A 332 -10.94 -3.50 13.12
C PHE A 332 -9.47 -3.83 13.16
N ILE A 333 -8.76 -3.61 12.07
CA ILE A 333 -7.35 -3.80 12.02
C ILE A 333 -6.81 -2.67 11.17
N GLY A 334 -6.07 -1.76 11.80
CA GLY A 334 -5.50 -0.63 11.07
C GLY A 334 -4.57 0.25 11.89
N ARG A 335 -3.61 0.86 11.19
CA ARG A 335 -2.88 2.00 11.67
C ARG A 335 -3.86 3.00 12.24
N LEU A 336 -3.65 3.34 13.49
CA LEU A 336 -4.50 4.26 14.19
C LEU A 336 -4.19 5.71 13.79
N GLU A 337 -4.60 6.04 12.57
CA GLU A 337 -4.42 7.33 11.94
C GLU A 337 -5.81 7.80 11.49
N GLU A 338 -5.93 9.10 11.20
CA GLU A 338 -7.20 9.67 10.76
C GLU A 338 -7.73 9.00 9.49
N GLN A 339 -6.84 8.65 8.57
CA GLN A 339 -7.19 7.97 7.32
C GLN A 339 -8.12 6.73 7.46
N LYS A 340 -7.95 6.00 8.55
CA LYS A 340 -8.58 4.72 8.72
C LYS A 340 -9.78 4.82 9.65
N GLY A 341 -10.10 6.05 10.08
CA GLY A 341 -11.27 6.35 10.94
C GLY A 341 -11.44 5.63 12.27
N PRO A 342 -10.35 5.36 13.00
CA PRO A 342 -10.55 4.71 14.28
C PRO A 342 -11.44 5.52 15.24
N ASP A 343 -11.33 6.84 15.18
CA ASP A 343 -12.18 7.72 15.97
C ASP A 343 -13.63 7.53 15.66
N VAL A 344 -13.94 7.38 14.36
CA VAL A 344 -15.31 7.05 13.93
C VAL A 344 -15.71 5.64 14.39
N MET A 345 -14.81 4.67 14.24
CA MET A 345 -15.05 3.36 14.83
C MET A 345 -15.39 3.48 16.30
N ALA A 346 -14.59 4.25 17.05
CA ALA A 346 -14.77 4.44 18.53
C ALA A 346 -16.12 5.07 18.88
N ALA A 347 -16.49 6.07 18.12
CA ALA A 347 -17.74 6.72 18.36
C ALA A 347 -18.96 5.79 18.19
N ALA A 348 -18.83 4.76 17.32
CA ALA A 348 -19.98 3.89 16.98
C ALA A 348 -20.16 2.75 17.96
N ILE A 349 -19.11 2.43 18.70
CA ILE A 349 -19.17 1.38 19.69
C ILE A 349 -20.36 1.44 20.68
N PRO A 350 -20.67 2.63 21.26
CA PRO A 350 -21.82 2.59 22.20
C PRO A 350 -23.10 2.14 21.54
N GLU A 351 -23.35 2.66 20.35
CA GLU A 351 -24.54 2.26 19.64
C GLU A 351 -24.51 0.73 19.43
N LEU A 352 -23.38 0.20 19.00
CA LEU A 352 -23.28 -1.24 18.71
C LEU A 352 -23.40 -2.03 19.97
N MET A 353 -23.22 -1.36 21.08
CA MET A 353 -23.16 -2.09 22.30
C MET A 353 -24.52 -2.40 22.92
N GLN A 354 -25.59 -1.98 22.24
CA GLN A 354 -26.96 -2.35 22.59
C GLN A 354 -27.22 -3.78 22.12
N GLU A 355 -26.52 -4.16 21.06
CA GLU A 355 -26.56 -5.52 20.52
C GLU A 355 -25.67 -6.50 21.30
N ASP A 356 -25.94 -7.78 21.15
CA ASP A 356 -25.08 -8.82 21.65
C ASP A 356 -23.88 -9.06 20.67
N VAL A 357 -22.82 -8.25 20.74
CA VAL A 357 -21.68 -8.43 19.87
C VAL A 357 -20.36 -8.29 20.55
N GLN A 358 -19.30 -8.75 19.91
CA GLN A 358 -17.96 -8.48 20.42
C GLN A 358 -17.24 -7.69 19.39
N ILE A 359 -16.29 -6.85 19.82
CA ILE A 359 -15.44 -6.08 18.90
C ILE A 359 -13.99 -6.27 19.22
N VAL A 360 -13.15 -6.53 18.24
CA VAL A 360 -11.72 -6.63 18.51
C VAL A 360 -10.94 -5.66 17.66
N LEU A 361 -10.19 -4.76 18.27
CA LEU A 361 -9.47 -3.77 17.47
C LEU A 361 -7.98 -3.98 17.56
N LEU A 362 -7.26 -3.91 16.46
CA LEU A 362 -5.83 -4.14 16.49
C LEU A 362 -5.07 -3.09 15.69
N GLY A 363 -4.36 -2.21 16.39
CA GLY A 363 -3.51 -1.24 15.69
C GLY A 363 -2.69 -0.37 16.62
N THR A 364 -1.75 0.34 16.03
CA THR A 364 -0.95 1.30 16.77
C THR A 364 -0.83 2.55 15.94
N GLY A 365 -0.62 3.67 16.62
CA GLY A 365 -0.31 4.95 15.98
C GLY A 365 -0.58 6.03 17.01
N LYS A 366 -0.98 7.20 16.51
CA LYS A 366 -1.32 8.34 17.34
C LYS A 366 -1.97 7.93 18.67
N LYS A 367 -1.33 8.28 19.80
CA LYS A 367 -1.79 7.81 21.11
C LYS A 367 -3.14 8.36 21.55
N LYS A 368 -3.57 9.50 21.02
CA LYS A 368 -4.90 10.00 21.40
C LYS A 368 -5.99 9.01 20.95
N PHE A 369 -5.66 8.18 19.94
CA PHE A 369 -6.54 7.14 19.42
C PHE A 369 -6.40 5.88 20.25
N GLU A 370 -5.17 5.50 20.54
CA GLU A 370 -4.91 4.37 21.44
C GLU A 370 -5.68 4.58 22.73
N LYS A 371 -5.71 5.83 23.17
CA LYS A 371 -6.40 6.26 24.38
C LYS A 371 -7.92 6.11 24.21
N LEU A 372 -8.40 6.37 23.00
CA LEU A 372 -9.82 6.31 22.76
C LEU A 372 -10.33 4.87 22.77
N LEU A 373 -9.63 3.99 22.08
CA LEU A 373 -10.06 2.61 21.96
C LEU A 373 -9.94 1.94 23.29
N LYS A 374 -8.84 2.24 23.99
CA LYS A 374 -8.57 1.63 25.28
C LYS A 374 -9.63 2.06 26.28
N SER A 375 -10.08 3.31 26.19
CA SER A 375 -11.16 3.76 27.06
C SER A 375 -12.42 2.96 26.75
N MET A 376 -12.68 2.73 25.45
CA MET A 376 -13.76 1.84 24.98
C MET A 376 -13.70 0.39 25.49
N GLU A 377 -12.51 -0.19 25.57
CA GLU A 377 -12.34 -1.49 26.22
C GLU A 377 -12.73 -1.46 27.71
N GLU A 378 -12.31 -0.41 28.41
CA GLU A 378 -12.56 -0.26 29.82
C GLU A 378 -14.03 -0.03 30.09
N LYS A 379 -14.71 0.62 29.17
CA LYS A 379 -16.14 0.86 29.39
C LYS A 379 -17.01 -0.36 29.11
N TYR A 380 -16.59 -1.22 28.20
CA TYR A 380 -17.41 -2.37 27.82
C TYR A 380 -16.61 -3.66 27.92
N PRO A 381 -16.23 -4.07 29.14
CA PRO A 381 -15.32 -5.23 29.19
C PRO A 381 -16.11 -6.49 28.86
N GLY A 382 -15.43 -7.54 28.41
CA GLY A 382 -16.19 -8.72 27.99
C GLY A 382 -16.90 -8.52 26.66
N LYS A 383 -16.75 -7.33 26.07
CA LYS A 383 -17.39 -7.01 24.81
C LYS A 383 -16.48 -6.30 23.82
N VAL A 384 -15.47 -5.57 24.28
CA VAL A 384 -14.55 -4.85 23.38
C VAL A 384 -13.12 -5.14 23.80
N ARG A 385 -12.24 -5.42 22.86
CA ARG A 385 -10.86 -5.67 23.19
C ARG A 385 -9.99 -4.90 22.23
N ALA A 386 -9.26 -3.89 22.72
CA ALA A 386 -8.29 -3.14 21.90
C ALA A 386 -6.93 -3.71 22.15
N VAL A 387 -6.25 -4.16 21.11
CA VAL A 387 -4.88 -4.62 21.27
C VAL A 387 -4.06 -3.61 20.53
N VAL A 388 -3.51 -2.69 21.27
CA VAL A 388 -2.62 -1.70 20.77
C VAL A 388 -1.23 -2.31 20.87
N LYS A 389 -0.70 -2.79 19.75
CA LYS A 389 0.54 -3.58 19.75
C LYS A 389 0.73 -4.02 18.33
N PHE A 390 1.99 -4.20 17.95
CA PHE A 390 2.30 -4.83 16.68
C PHE A 390 2.32 -6.34 16.91
N ASN A 391 1.51 -7.07 16.14
CA ASN A 391 1.32 -8.51 16.33
C ASN A 391 0.85 -9.22 15.06
N ALA A 392 1.76 -9.41 14.11
CA ALA A 392 1.44 -10.12 12.88
C ALA A 392 0.64 -11.40 13.19
N PRO A 393 1.13 -12.23 14.12
CA PRO A 393 0.34 -13.49 14.27
C PRO A 393 -1.09 -13.29 14.75
N LEU A 394 -1.31 -12.39 15.69
CA LEU A 394 -2.68 -12.11 16.09
C LEU A 394 -3.54 -11.56 14.91
N ALA A 395 -2.93 -10.89 13.95
CA ALA A 395 -3.69 -10.38 12.83
C ALA A 395 -4.27 -11.50 11.97
N HIS A 396 -3.52 -12.57 11.77
CA HIS A 396 -4.00 -13.72 10.99
C HIS A 396 -5.17 -14.35 11.75
N LEU A 397 -5.01 -14.48 13.06
CA LEU A 397 -6.04 -15.09 13.87
C LEU A 397 -7.30 -14.25 13.76
N ILE A 398 -7.16 -12.94 13.89
CA ILE A 398 -8.30 -12.03 13.73
C ILE A 398 -8.99 -12.26 12.39
N MET A 399 -8.19 -12.36 11.35
CA MET A 399 -8.69 -12.46 9.99
C MET A 399 -9.44 -13.76 9.83
N ALA A 400 -8.96 -14.81 10.49
CA ALA A 400 -9.56 -16.12 10.37
C ALA A 400 -10.79 -16.23 11.26
N GLY A 401 -10.80 -15.56 12.42
CA GLY A 401 -11.93 -15.72 13.37
C GLY A 401 -13.05 -14.69 13.35
N ALA A 402 -12.78 -13.48 12.92
CA ALA A 402 -13.84 -12.50 12.81
C ALA A 402 -14.93 -12.93 11.79
N ASP A 403 -16.13 -12.43 12.01
CA ASP A 403 -17.25 -12.64 11.17
C ASP A 403 -17.35 -11.51 10.16
N VAL A 404 -17.19 -10.28 10.64
CA VAL A 404 -17.11 -9.09 9.82
C VAL A 404 -15.85 -8.28 10.17
N LEU A 405 -15.27 -7.68 9.14
CA LEU A 405 -14.17 -6.80 9.28
C LEU A 405 -14.69 -5.39 9.06
N ALA A 406 -14.53 -4.49 10.03
CA ALA A 406 -14.99 -3.12 9.83
C ALA A 406 -13.85 -2.21 9.33
N VAL A 407 -14.07 -1.54 8.19
CA VAL A 407 -13.06 -0.70 7.55
C VAL A 407 -13.63 0.71 7.29
N PRO A 408 -13.87 1.48 8.36
CA PRO A 408 -14.47 2.80 8.27
C PRO A 408 -13.50 3.89 7.77
N SER A 409 -12.83 3.66 6.65
CA SER A 409 -11.82 4.58 6.20
C SER A 409 -12.32 5.93 5.63
N ARG A 410 -11.51 6.96 5.86
CA ARG A 410 -11.80 8.30 5.36
C ARG A 410 -11.32 8.38 3.93
N PHE A 411 -10.22 7.73 3.63
CA PHE A 411 -9.82 7.52 2.26
C PHE A 411 -8.94 6.28 2.22
N GLU A 412 -8.84 5.66 1.06
CA GLU A 412 -8.24 4.34 0.93
C GLU A 412 -7.87 4.14 -0.52
N PRO A 413 -6.65 4.49 -0.87
CA PRO A 413 -6.20 4.24 -2.22
C PRO A 413 -6.53 2.84 -2.76
N CYS A 414 -6.13 1.76 -2.08
CA CYS A 414 -6.56 0.43 -2.49
C CYS A 414 -7.02 -0.39 -1.32
N GLY A 415 -6.09 -0.67 -0.44
CA GLY A 415 -6.41 -1.36 0.78
C GLY A 415 -5.87 -2.76 0.61
N LEU A 416 -5.53 -3.37 1.73
CA LEU A 416 -4.93 -4.63 1.74
C LEU A 416 -5.79 -5.41 2.70
N ILE A 417 -6.20 -4.72 3.77
CA ILE A 417 -7.03 -5.34 4.80
C ILE A 417 -8.31 -5.99 4.27
N GLN A 418 -9.02 -5.31 3.39
CA GLN A 418 -10.19 -5.91 2.87
C GLN A 418 -9.85 -7.09 1.97
N LEU A 419 -8.75 -7.01 1.24
CA LEU A 419 -8.35 -8.13 0.38
C LEU A 419 -8.00 -9.33 1.24
N GLN A 420 -7.23 -9.08 2.28
CA GLN A 420 -6.85 -10.11 3.20
C GLN A 420 -8.09 -10.75 3.86
N GLY A 421 -9.04 -9.91 4.25
CA GLY A 421 -10.29 -10.42 4.77
C GLY A 421 -10.95 -11.39 3.80
N MET A 422 -11.16 -10.94 2.58
CA MET A 422 -11.92 -11.76 1.66
C MET A 422 -11.20 -13.09 1.42
N ARG A 423 -9.89 -13.02 1.29
CA ARG A 423 -9.13 -14.20 1.09
C ARG A 423 -9.47 -15.19 2.20
N TYR A 424 -9.67 -14.70 3.43
CA TYR A 424 -9.97 -15.56 4.59
C TYR A 424 -11.49 -15.72 4.85
N GLY A 425 -12.31 -15.39 3.85
CA GLY A 425 -13.74 -15.46 4.00
C GLY A 425 -14.32 -14.54 5.05
N THR A 426 -13.79 -13.35 5.20
CA THR A 426 -14.37 -12.45 6.16
C THR A 426 -14.93 -11.28 5.42
N PRO A 427 -16.25 -11.21 5.27
CA PRO A 427 -16.77 -10.06 4.53
C PRO A 427 -16.46 -8.77 5.24
N CYS A 428 -16.59 -7.65 4.54
CA CYS A 428 -16.10 -6.37 4.99
C CYS A 428 -17.19 -5.34 5.04
N ALA A 429 -17.42 -4.72 6.19
CA ALA A 429 -18.32 -3.57 6.29
C ALA A 429 -17.43 -2.33 6.13
N CYS A 430 -17.58 -1.61 5.05
CA CYS A 430 -16.56 -0.61 4.73
C CYS A 430 -17.12 0.72 4.25
N ALA A 431 -16.30 1.75 4.41
CA ALA A 431 -16.67 3.05 3.91
C ALA A 431 -16.62 2.97 2.40
N SER A 432 -17.47 3.75 1.74
CA SER A 432 -17.51 3.68 0.31
C SER A 432 -16.51 4.63 -0.37
N THR A 433 -15.23 4.32 -0.22
CA THR A 433 -14.26 5.17 -0.86
C THR A 433 -13.09 4.41 -1.49
N GLY A 434 -12.49 5.01 -2.52
CA GLY A 434 -11.31 4.45 -3.10
C GLY A 434 -11.43 2.98 -3.49
N GLY A 435 -10.38 2.22 -3.17
CA GLY A 435 -10.29 0.81 -3.51
C GLY A 435 -11.39 -0.06 -2.95
N LEU A 436 -12.01 0.36 -1.83
CA LEU A 436 -13.11 -0.41 -1.24
C LEU A 436 -14.32 -0.45 -2.13
N VAL A 437 -14.52 0.59 -2.92
CA VAL A 437 -15.66 0.60 -3.81
C VAL A 437 -15.48 -0.41 -4.93
N ASP A 438 -14.26 -0.51 -5.48
CA ASP A 438 -13.89 -1.49 -6.51
C ASP A 438 -13.90 -2.95 -6.03
N THR A 439 -13.41 -3.22 -4.80
CA THR A 439 -13.14 -4.57 -4.38
C THR A 439 -14.25 -5.16 -3.50
N VAL A 440 -15.17 -4.36 -3.01
CA VAL A 440 -16.18 -4.88 -2.12
C VAL A 440 -17.58 -4.69 -2.72
N ILE A 441 -18.28 -5.79 -3.02
CA ILE A 441 -19.60 -5.69 -3.61
C ILE A 441 -20.72 -5.96 -2.60
N GLU A 442 -21.68 -5.01 -2.55
CA GLU A 442 -22.80 -5.03 -1.61
C GLU A 442 -23.61 -6.30 -1.79
N GLY A 443 -23.81 -7.05 -0.72
CA GLY A 443 -24.56 -8.30 -0.84
C GLY A 443 -23.82 -9.48 -1.48
N LYS A 444 -22.68 -9.24 -2.08
CA LYS A 444 -21.91 -10.35 -2.62
C LYS A 444 -20.70 -10.64 -1.71
N THR A 445 -19.86 -9.64 -1.45
CA THR A 445 -18.68 -9.83 -0.63
C THR A 445 -18.52 -8.87 0.54
N GLY A 446 -19.48 -7.98 0.80
CA GLY A 446 -19.45 -7.15 1.98
C GLY A 446 -20.60 -6.18 2.02
N PHE A 447 -20.51 -5.15 2.87
CA PHE A 447 -21.55 -4.12 3.02
C PHE A 447 -20.95 -2.71 2.98
N HIS A 448 -21.44 -1.85 2.10
CA HIS A 448 -21.04 -0.45 2.04
C HIS A 448 -21.76 0.44 3.06
N MET A 449 -20.99 1.32 3.71
CA MET A 449 -21.54 2.21 4.69
C MET A 449 -21.95 3.53 4.08
N GLY A 450 -21.54 3.79 2.84
CA GLY A 450 -21.58 5.13 2.29
C GLY A 450 -20.27 5.84 2.58
N ARG A 451 -20.10 7.02 1.98
CA ARG A 451 -18.87 7.80 2.12
C ARG A 451 -18.87 8.64 3.39
N LEU A 452 -17.79 8.57 4.17
CA LEU A 452 -17.65 9.39 5.39
C LEU A 452 -17.11 10.76 5.08
N SER A 453 -17.28 11.68 6.02
CA SER A 453 -16.77 13.03 5.84
C SER A 453 -15.25 13.04 5.73
N VAL A 454 -14.78 13.68 4.66
CA VAL A 454 -13.34 13.86 4.38
C VAL A 454 -12.72 14.84 5.37
N ASP A 455 -13.56 15.58 6.07
CA ASP A 455 -13.09 16.50 7.08
C ASP A 455 -12.47 15.77 8.27
N CYS A 456 -11.22 15.38 8.11
CA CYS A 456 -10.52 14.57 9.10
C CYS A 456 -10.59 14.97 10.56
N LYS A 457 -10.65 16.26 10.84
CA LYS A 457 -10.54 16.66 12.24
C LYS A 457 -11.80 16.34 12.99
N VAL A 458 -12.92 16.36 12.27
CA VAL A 458 -14.21 16.19 12.89
C VAL A 458 -14.65 14.73 12.78
N VAL A 459 -15.59 14.35 13.64
CA VAL A 459 -16.28 13.08 13.57
C VAL A 459 -17.76 13.42 13.41
N GLU A 460 -18.21 13.43 12.17
CA GLU A 460 -19.60 13.78 11.90
C GLU A 460 -20.55 12.75 12.54
N PRO A 461 -21.52 13.25 13.31
CA PRO A 461 -22.49 12.36 13.92
C PRO A 461 -23.25 11.51 12.92
N SER A 462 -23.55 12.06 11.75
CA SER A 462 -24.25 11.29 10.73
C SER A 462 -23.40 10.12 10.22
N ASP A 463 -22.08 10.31 10.14
CA ASP A 463 -21.15 9.22 9.86
C ASP A 463 -21.18 8.16 10.95
N VAL A 464 -21.17 8.58 12.20
CA VAL A 464 -21.25 7.61 13.30
C VAL A 464 -22.52 6.77 13.12
N LYS A 465 -23.56 7.43 12.64
CA LYS A 465 -24.84 6.77 12.46
C LYS A 465 -24.76 5.71 11.37
N LYS A 466 -24.08 6.01 10.28
CA LYS A 466 -23.93 5.12 9.12
C LYS A 466 -23.19 3.84 9.54
N VAL A 467 -22.10 4.06 10.28
CA VAL A 467 -21.17 3.01 10.62
C VAL A 467 -21.87 2.05 11.54
N ALA A 468 -22.61 2.57 12.51
CA ALA A 468 -23.26 1.67 13.41
C ALA A 468 -24.35 0.95 12.64
N ALA A 469 -25.08 1.69 11.79
CA ALA A 469 -26.19 1.08 11.08
C ALA A 469 -25.66 -0.10 10.24
N THR A 470 -24.67 0.16 9.40
CA THR A 470 -24.14 -0.89 8.54
C THR A 470 -23.59 -2.05 9.35
N LEU A 471 -23.00 -1.79 10.51
CA LEU A 471 -22.50 -2.89 11.32
C LEU A 471 -23.64 -3.73 11.93
N LYS A 472 -24.75 -3.07 12.27
CA LYS A 472 -25.97 -3.77 12.73
C LYS A 472 -26.60 -4.69 11.69
N ARG A 473 -26.72 -4.20 10.45
CA ARG A 473 -27.12 -5.03 9.32
C ARG A 473 -26.19 -6.24 9.22
N ALA A 474 -24.89 -5.96 9.13
CA ALA A 474 -23.92 -7.01 8.88
C ALA A 474 -24.02 -8.13 9.90
N ILE A 475 -24.11 -7.78 11.17
CA ILE A 475 -24.04 -8.80 12.18
C ILE A 475 -25.34 -9.54 12.27
N LYS A 476 -26.42 -8.85 11.91
CA LYS A 476 -27.75 -9.47 11.89
C LYS A 476 -27.83 -10.59 10.85
N VAL A 477 -26.99 -10.52 9.81
CA VAL A 477 -26.84 -11.53 8.77
C VAL A 477 -25.92 -12.69 9.17
N VAL A 478 -25.00 -12.47 10.09
CA VAL A 478 -24.11 -13.54 10.49
C VAL A 478 -24.95 -14.70 11.02
N GLY A 479 -24.57 -15.94 10.68
CA GLY A 479 -25.30 -17.14 11.10
C GLY A 479 -26.35 -17.62 10.08
N THR A 480 -27.04 -16.69 9.40
CA THR A 480 -28.00 -17.07 8.37
C THR A 480 -27.28 -17.78 7.23
N PRO A 481 -27.97 -18.68 6.52
CA PRO A 481 -27.30 -19.33 5.41
C PRO A 481 -26.73 -18.33 4.41
N ALA A 482 -27.38 -17.21 4.20
CA ALA A 482 -26.89 -16.24 3.17
C ALA A 482 -25.49 -15.77 3.47
N TYR A 483 -25.19 -15.63 4.77
CA TYR A 483 -23.87 -15.19 5.22
C TYR A 483 -22.77 -16.12 4.74
N GLU A 484 -23.07 -17.41 4.75
CA GLU A 484 -22.13 -18.43 4.30
C GLU A 484 -21.88 -18.37 2.83
N GLU A 485 -22.90 -17.96 2.07
CA GLU A 485 -22.65 -17.71 0.64
C GLU A 485 -21.64 -16.61 0.45
N MET A 486 -21.85 -15.50 1.18
CA MET A 486 -20.89 -14.40 1.18
C MET A 486 -19.47 -14.87 1.46
N VAL A 487 -19.28 -15.65 2.52
CA VAL A 487 -18.00 -16.20 2.85
C VAL A 487 -17.40 -16.91 1.63
N ARG A 488 -18.19 -17.78 1.03
CA ARG A 488 -17.79 -18.53 -0.16
C ARG A 488 -17.45 -17.57 -1.28
N ASN A 489 -18.30 -16.55 -1.47
CA ASN A 489 -18.01 -15.53 -2.45
C ASN A 489 -16.65 -14.87 -2.24
N CYS A 490 -16.41 -14.36 -1.04
CA CYS A 490 -15.13 -13.80 -0.70
C CYS A 490 -13.97 -14.76 -1.05
N MET A 491 -14.10 -16.06 -0.71
CA MET A 491 -13.02 -17.01 -1.00
C MET A 491 -12.88 -17.53 -2.43
N ASN A 492 -13.88 -17.37 -3.29
CA ASN A 492 -13.70 -17.86 -4.65
C ASN A 492 -12.98 -16.88 -5.57
N GLN A 493 -12.67 -15.67 -5.11
CA GLN A 493 -12.09 -14.70 -6.01
C GLN A 493 -10.65 -14.99 -6.23
N ASP A 494 -10.20 -14.80 -7.46
CA ASP A 494 -8.78 -14.76 -7.67
C ASP A 494 -8.33 -13.39 -7.19
N LEU A 495 -7.52 -13.37 -6.14
CA LEU A 495 -6.97 -12.12 -5.63
C LEU A 495 -5.45 -12.11 -5.80
N SER A 496 -4.96 -12.95 -6.70
CA SER A 496 -3.53 -12.95 -7.06
C SER A 496 -3.22 -11.86 -8.09
N TRP A 497 -1.98 -11.81 -8.53
CA TRP A 497 -1.51 -10.76 -9.39
C TRP A 497 -1.68 -11.09 -10.87
N LYS A 498 -2.18 -12.28 -11.16
CA LYS A 498 -2.30 -12.70 -12.53
C LYS A 498 -3.22 -11.70 -13.29
N GLY A 499 -4.41 -11.47 -12.78
CA GLY A 499 -5.36 -10.51 -13.36
C GLY A 499 -4.85 -9.08 -13.40
N PRO A 500 -4.38 -8.55 -12.26
CA PRO A 500 -3.83 -7.20 -12.30
C PRO A 500 -2.62 -7.04 -13.21
N ALA A 501 -1.73 -8.03 -13.28
CA ALA A 501 -0.51 -7.90 -14.11
C ALA A 501 -0.80 -7.74 -15.61
N LYS A 502 -1.87 -8.34 -16.08
CA LYS A 502 -2.28 -8.12 -17.44
C LYS A 502 -2.79 -6.67 -17.66
N ASN A 503 -3.37 -6.06 -16.61
CA ASN A 503 -3.78 -4.66 -16.69
C ASN A 503 -2.54 -3.73 -16.73
N TRP A 504 -1.52 -4.05 -15.93
CA TRP A 504 -0.30 -3.26 -15.91
C TRP A 504 0.39 -3.35 -17.25
N GLU A 505 0.49 -4.57 -17.76
CA GLU A 505 1.14 -4.87 -19.03
C GLU A 505 0.54 -4.01 -20.13
N ASN A 506 -0.78 -4.03 -20.23
CA ASN A 506 -1.45 -3.16 -21.17
C ASN A 506 -1.03 -1.71 -21.02
N VAL A 507 -0.98 -1.18 -19.79
CA VAL A 507 -0.65 0.23 -19.64
C VAL A 507 0.79 0.46 -20.08
N LEU A 508 1.71 -0.38 -19.65
CA LEU A 508 3.10 -0.17 -20.07
C LEU A 508 3.38 -0.32 -21.59
N LEU A 509 2.56 -1.10 -22.29
CA LEU A 509 2.75 -1.32 -23.71
C LEU A 509 2.23 -0.12 -24.48
N GLY A 510 1.31 0.63 -23.89
CA GLY A 510 0.72 1.79 -24.52
C GLY A 510 1.76 2.90 -24.59
N LEU A 511 2.92 2.64 -23.98
CA LEU A 511 3.95 3.66 -23.78
C LEU A 511 4.97 3.73 -24.91
N GLY A 512 4.67 3.07 -26.02
CA GLY A 512 5.57 3.05 -27.17
C GLY A 512 6.72 2.07 -27.03
N VAL A 513 7.72 2.42 -26.22
CA VAL A 513 8.99 1.65 -26.11
C VAL A 513 8.87 0.11 -26.29
S SO4 B . 5.36 14.37 3.61
O1 SO4 B . 4.18 14.77 2.86
O2 SO4 B . 5.19 14.56 5.04
O3 SO4 B . 5.56 12.97 3.41
O4 SO4 B . 6.48 15.10 3.06
S SO4 C . 28.36 -6.24 4.15
O1 SO4 C . 28.14 -5.43 5.36
O2 SO4 C . 27.15 -7.03 3.90
O3 SO4 C . 28.63 -5.40 2.98
O4 SO4 C . 29.48 -7.15 4.40
S SO4 D . -2.59 -4.74 25.05
O1 SO4 D . -3.84 -4.00 25.22
O2 SO4 D . -2.76 -5.89 24.16
O3 SO4 D . -1.59 -3.87 24.42
O4 SO4 D . -2.15 -5.27 26.36
S SO4 E . -1.23 2.18 2.86
O1 SO4 E . -2.06 3.38 3.02
O2 SO4 E . -2.04 0.96 3.05
O3 SO4 E . -0.64 2.16 1.51
O4 SO4 E . -0.19 2.18 3.89
#